data_7Z3G
#
_entry.id   7Z3G
#
_cell.length_a   73.913
_cell.length_b   73.913
_cell.length_c   113.870
_cell.angle_alpha   90.000
_cell.angle_beta   90.000
_cell.angle_gamma   90.000
#
_symmetry.space_group_name_H-M   'P 41 21 2'
#
loop_
_entity.id
_entity.type
_entity.pdbx_description
1 polymer AcoP
2 non-polymer 'COPPER (I) ION'
3 non-polymer GLYCEROL
4 water water
#
_entity_poly.entity_id   1
_entity_poly.type   'polypeptide(L)'
_entity_poly.pdbx_seq_one_letter_code
;MSYYHHHHHHLESTSLYKKAGSNPSGQVINGVHHYTIDEFNYYYKPDRMTWHVGEKVELTIDNRSQSAPPIAHQFSIGRT
LVSRDNGFPKSQAIAVGWKDNFFDGVPITSGGQTGPVPAFSVSLNGGQKYTFSFVVPNKPGKWEYGCFLQTGQAFMNGMH
GILDILPAQGS
;
_entity_poly.pdbx_strand_id   A,B
#
loop_
_chem_comp.id
_chem_comp.type
_chem_comp.name
_chem_comp.formula
CU1 non-polymer 'COPPER (I) ION' 'Cu 1'
GOL non-polymer GLYCEROL 'C3 H8 O3'
#
# COMPACT_ATOMS: atom_id res chain seq x y z
N ASN A 30 15.62 -12.30 7.13
CA ASN A 30 16.22 -11.60 8.34
C ASN A 30 15.61 -10.21 8.59
N GLY A 31 15.27 -9.43 7.56
CA GLY A 31 14.73 -8.05 7.65
C GLY A 31 13.21 -8.08 7.64
N VAL A 32 12.58 -6.92 7.56
CA VAL A 32 11.09 -6.81 7.60
C VAL A 32 10.58 -6.99 6.16
N HIS A 33 9.70 -7.96 5.92
CA HIS A 33 9.11 -8.15 4.57
C HIS A 33 7.81 -7.34 4.51
N HIS A 34 7.71 -6.43 3.55
CA HIS A 34 6.53 -5.55 3.36
CA HIS A 34 6.53 -5.57 3.37
C HIS A 34 5.55 -6.21 2.37
N TYR A 35 4.31 -6.44 2.78
CA TYR A 35 3.19 -6.90 1.92
C TYR A 35 2.10 -5.82 1.96
N THR A 36 1.40 -5.73 0.87
CA THR A 36 0.25 -4.82 0.70
C THR A 36 -0.91 -5.68 0.24
N ILE A 37 -2.04 -5.61 0.93
CA ILE A 37 -3.29 -6.21 0.41
C ILE A 37 -4.27 -5.08 0.08
N ASP A 38 -4.59 -5.00 -1.19
CA ASP A 38 -5.63 -4.07 -1.68
C ASP A 38 -6.99 -4.74 -1.68
N GLU A 39 -7.98 -3.99 -1.24
CA GLU A 39 -9.40 -4.39 -1.23
C GLU A 39 -10.13 -3.64 -2.33
N PHE A 40 -10.92 -4.37 -3.10
CA PHE A 40 -11.77 -3.84 -4.17
C PHE A 40 -13.13 -4.49 -3.95
N ASN A 41 -14.17 -3.93 -4.52
CA ASN A 41 -15.47 -4.66 -4.57
C ASN A 41 -15.38 -5.77 -5.62
N TYR A 42 -15.49 -7.07 -5.30
CA TYR A 42 -15.45 -7.69 -4.00
C TYR A 42 -14.31 -8.70 -4.00
N TYR A 43 -13.07 -8.26 -3.94
CA TYR A 43 -11.90 -9.15 -4.02
C TYR A 43 -10.69 -8.45 -3.43
N TYR A 44 -9.70 -9.26 -3.12
CA TYR A 44 -8.40 -8.83 -2.54
C TYR A 44 -7.38 -9.00 -3.65
N LYS A 45 -6.43 -8.08 -3.70
CA LYS A 45 -5.23 -8.21 -4.56
C LYS A 45 -4.02 -8.03 -3.67
N PRO A 46 -3.19 -9.09 -3.44
CA PRO A 46 -3.40 -10.42 -4.03
C PRO A 46 -4.39 -11.27 -3.22
N ASP A 47 -4.91 -12.32 -3.85
CA ASP A 47 -5.90 -13.20 -3.18
C ASP A 47 -5.18 -14.45 -2.69
N ARG A 48 -3.86 -14.44 -2.80
CA ARG A 48 -3.04 -15.54 -2.22
C ARG A 48 -1.77 -14.93 -1.67
N MET A 49 -1.30 -15.48 -0.58
CA MET A 49 -0.11 -14.99 0.08
C MET A 49 0.54 -16.16 0.81
N THR A 50 1.85 -16.14 0.90
CA THR A 50 2.62 -17.22 1.57
C THR A 50 3.58 -16.58 2.57
N TRP A 51 3.53 -16.98 3.84
CA TRP A 51 4.52 -16.51 4.83
C TRP A 51 5.21 -17.73 5.43
N HIS A 52 6.38 -17.48 6.01
CA HIS A 52 7.14 -18.45 6.83
C HIS A 52 6.93 -18.15 8.31
N VAL A 53 6.66 -19.17 9.12
CA VAL A 53 6.78 -19.12 10.60
C VAL A 53 8.06 -18.37 10.96
N GLY A 54 7.97 -17.34 11.80
CA GLY A 54 9.16 -16.59 12.24
C GLY A 54 9.48 -15.41 11.34
N GLU A 55 8.82 -15.26 10.19
CA GLU A 55 9.09 -14.11 9.27
C GLU A 55 8.55 -12.82 9.93
N LYS A 56 9.30 -11.74 9.77
CA LYS A 56 8.91 -10.36 10.11
C LYS A 56 8.14 -9.79 8.94
N VAL A 57 6.88 -9.48 9.22
CA VAL A 57 5.90 -8.98 8.22
C VAL A 57 5.44 -7.60 8.65
N GLU A 58 5.51 -6.65 7.73
CA GLU A 58 4.74 -5.41 7.78
C GLU A 58 3.67 -5.56 6.71
N LEU A 59 2.42 -5.42 7.09
CA LEU A 59 1.28 -5.61 6.17
C LEU A 59 0.51 -4.30 6.07
N THR A 60 0.34 -3.79 4.86
CA THR A 60 -0.60 -2.68 4.61
C THR A 60 -1.90 -3.23 4.03
N ILE A 61 -3.03 -2.97 4.67
CA ILE A 61 -4.39 -3.19 4.11
C ILE A 61 -4.95 -1.85 3.58
N ASP A 62 -5.32 -1.80 2.30
CA ASP A 62 -5.78 -0.56 1.62
C ASP A 62 -7.16 -0.80 1.05
N ASN A 63 -8.15 -0.05 1.51
CA ASN A 63 -9.51 -0.16 0.93
C ASN A 63 -9.57 0.70 -0.34
N ARG A 64 -9.49 0.08 -1.51
CA ARG A 64 -9.52 0.78 -2.81
C ARG A 64 -10.90 0.59 -3.45
N SER A 65 -11.93 0.46 -2.63
CA SER A 65 -13.32 0.32 -3.08
C SER A 65 -13.60 1.28 -4.24
N GLN A 66 -14.07 0.76 -5.36
CA GLN A 66 -14.13 1.52 -6.64
C GLN A 66 -15.54 2.09 -6.83
N SER A 67 -16.50 1.74 -6.02
CA SER A 67 -17.92 2.10 -6.27
C SER A 67 -18.19 3.56 -5.84
N ALA A 68 -19.35 4.10 -6.23
CA ALA A 68 -19.90 5.43 -5.82
C ALA A 68 -21.20 5.22 -5.04
N PRO A 69 -21.20 5.32 -3.69
CA PRO A 69 -20.01 5.70 -2.94
C PRO A 69 -19.14 4.46 -2.70
N PRO A 70 -17.90 4.67 -2.21
CA PRO A 70 -17.05 3.56 -1.83
C PRO A 70 -17.66 2.83 -0.65
N ILE A 71 -17.43 1.52 -0.50
CA ILE A 71 -17.99 0.75 0.65
C ILE A 71 -16.86 0.33 1.59
N ALA A 72 -17.21 0.10 2.84
CA ALA A 72 -16.27 -0.32 3.88
C ALA A 72 -15.88 -1.75 3.55
N HIS A 73 -14.64 -2.13 3.85
CA HIS A 73 -14.24 -3.52 3.68
C HIS A 73 -13.50 -3.94 4.93
N GLN A 74 -13.53 -5.24 5.17
CA GLN A 74 -12.92 -5.90 6.32
C GLN A 74 -11.87 -6.90 5.81
N PHE A 75 -10.79 -7.00 6.55
CA PHE A 75 -9.73 -7.98 6.39
C PHE A 75 -9.60 -8.77 7.70
N SER A 76 -9.97 -10.04 7.71
CA SER A 76 -9.72 -10.87 8.91
C SER A 76 -9.26 -12.24 8.44
N ILE A 77 -8.25 -12.74 9.14
CA ILE A 77 -7.59 -14.01 8.76
C ILE A 77 -8.03 -15.02 9.79
N GLY A 78 -8.50 -16.18 9.35
CA GLY A 78 -8.89 -17.19 10.33
C GLY A 78 -9.08 -18.54 9.67
N ARG A 79 -9.62 -19.43 10.48
CA ARG A 79 -10.03 -20.78 10.07
C ARG A 79 -11.40 -21.02 10.67
N THR A 80 -12.10 -21.95 10.10
CA THR A 80 -13.39 -22.48 10.58
C THR A 80 -14.46 -21.41 10.41
N LEU A 81 -14.95 -21.31 9.21
CA LEU A 81 -16.05 -20.41 8.88
C LEU A 81 -17.21 -20.62 9.86
N VAL A 82 -17.66 -19.55 10.48
CA VAL A 82 -18.94 -19.53 11.24
C VAL A 82 -19.99 -18.97 10.29
N SER A 83 -21.08 -19.72 10.10
CA SER A 83 -22.21 -19.27 9.25
C SER A 83 -23.49 -19.23 10.04
N ARG A 84 -24.50 -18.53 9.51
CA ARG A 84 -25.85 -18.57 10.10
C ARG A 84 -26.53 -19.90 9.77
N ASP A 85 -27.51 -20.30 10.56
CA ASP A 85 -28.25 -21.54 10.31
C ASP A 85 -29.71 -21.18 10.50
N ASN A 86 -30.62 -21.78 9.79
CA ASN A 86 -32.06 -21.62 10.17
C ASN A 86 -32.74 -22.99 10.11
N GLY A 87 -31.97 -24.07 10.14
CA GLY A 87 -32.50 -25.43 9.93
C GLY A 87 -32.80 -25.71 8.47
N PHE A 88 -32.69 -24.72 7.61
CA PHE A 88 -33.09 -24.89 6.19
C PHE A 88 -31.82 -24.82 5.34
N PRO A 89 -31.70 -25.69 4.30
CA PRO A 89 -30.46 -25.72 3.52
C PRO A 89 -30.35 -24.57 2.54
N LYS A 90 -29.11 -24.32 2.17
CA LYS A 90 -28.66 -23.11 1.46
C LYS A 90 -27.61 -23.49 0.43
N SER A 91 -27.80 -23.11 -0.83
CA SER A 91 -26.70 -23.27 -1.81
C SER A 91 -25.51 -22.45 -1.35
N GLN A 92 -25.70 -21.30 -0.68
CA GLN A 92 -24.61 -20.49 -0.05
C GLN A 92 -24.94 -20.17 1.42
N ALA A 93 -24.04 -20.57 2.32
CA ALA A 93 -24.07 -20.28 3.76
C ALA A 93 -23.83 -18.78 3.98
N ILE A 94 -24.68 -18.17 4.78
CA ILE A 94 -24.49 -16.75 5.18
C ILE A 94 -23.33 -16.69 6.18
N ALA A 95 -22.17 -16.29 5.70
CA ALA A 95 -20.91 -16.24 6.48
C ALA A 95 -21.02 -15.17 7.58
N VAL A 96 -20.59 -15.45 8.81
CA VAL A 96 -20.54 -14.38 9.83
C VAL A 96 -19.09 -14.09 10.21
N GLY A 97 -18.19 -15.06 10.15
CA GLY A 97 -16.81 -14.81 10.57
C GLY A 97 -16.04 -16.08 10.78
N TRP A 98 -14.80 -15.92 11.24
CA TRP A 98 -13.90 -17.05 11.52
C TRP A 98 -14.12 -17.41 12.96
N LYS A 99 -14.06 -18.69 13.27
CA LYS A 99 -14.05 -19.11 14.68
C LYS A 99 -12.66 -18.81 15.23
N ASP A 100 -11.64 -19.35 14.57
CA ASP A 100 -10.22 -19.24 14.98
C ASP A 100 -9.56 -18.04 14.25
N ASN A 101 -9.12 -17.04 14.99
CA ASN A 101 -8.45 -15.85 14.42
C ASN A 101 -6.95 -16.12 14.33
N PHE A 102 -6.38 -15.93 13.16
CA PHE A 102 -4.93 -16.10 12.94
C PHE A 102 -4.08 -15.26 13.91
N PHE A 103 -4.55 -14.05 14.21
CA PHE A 103 -3.84 -13.06 15.06
C PHE A 103 -4.11 -13.24 16.54
N ASP A 104 -4.88 -14.26 16.92
CA ASP A 104 -5.12 -14.57 18.34
C ASP A 104 -3.76 -14.79 18.99
N GLY A 105 -3.43 -13.94 19.95
CA GLY A 105 -2.20 -13.94 20.76
C GLY A 105 -0.99 -13.41 20.04
N VAL A 106 -1.13 -12.88 18.84
CA VAL A 106 0.05 -12.38 18.07
C VAL A 106 0.34 -10.93 18.41
N PRO A 107 1.51 -10.60 18.97
CA PRO A 107 1.85 -9.20 19.21
C PRO A 107 1.86 -8.41 17.91
N ILE A 108 1.10 -7.33 17.89
CA ILE A 108 1.01 -6.43 16.72
C ILE A 108 1.62 -5.10 17.12
N THR A 109 2.29 -4.49 16.16
CA THR A 109 2.79 -3.12 16.32
C THR A 109 2.16 -2.28 15.22
N SER A 110 1.55 -1.19 15.65
CA SER A 110 0.89 -0.24 14.75
C SER A 110 0.82 1.11 15.44
N GLY A 111 1.34 2.09 14.73
CA GLY A 111 1.69 3.40 15.27
C GLY A 111 2.47 3.24 16.57
N GLY A 112 1.98 3.88 17.60
CA GLY A 112 2.67 3.83 18.88
C GLY A 112 2.20 2.68 19.70
N GLN A 113 1.41 1.76 19.16
CA GLN A 113 0.83 0.69 19.99
C GLN A 113 1.54 -0.64 19.71
N THR A 114 1.81 -1.37 20.78
CA THR A 114 2.36 -2.75 20.69
C THR A 114 1.58 -3.67 21.62
N GLY A 115 1.22 -4.82 21.09
CA GLY A 115 0.80 -5.97 21.89
C GLY A 115 -0.26 -6.73 21.13
N PRO A 116 -0.67 -7.90 21.64
CA PRO A 116 -1.79 -8.64 21.07
C PRO A 116 -3.08 -7.82 21.05
N VAL A 117 -3.88 -8.10 20.04
CA VAL A 117 -5.21 -7.50 19.89
C VAL A 117 -6.20 -8.65 19.89
N PRO A 118 -7.10 -8.71 20.88
CA PRO A 118 -8.13 -9.72 20.84
C PRO A 118 -9.02 -9.45 19.61
N ALA A 119 -9.42 -10.49 18.88
CA ALA A 119 -10.47 -10.45 17.82
C ALA A 119 -10.02 -9.41 16.78
N PHE A 120 -8.74 -9.42 16.50
CA PHE A 120 -8.08 -8.51 15.56
C PHE A 120 -8.69 -8.67 14.18
N SER A 121 -9.04 -7.52 13.63
CA SER A 121 -9.70 -7.39 12.33
C SER A 121 -9.39 -6.00 11.80
N VAL A 122 -9.18 -5.85 10.50
CA VAL A 122 -8.97 -4.48 9.94
C VAL A 122 -10.23 -4.11 9.16
N SER A 123 -10.97 -3.12 9.67
CA SER A 123 -12.17 -2.61 8.97
C SER A 123 -11.89 -1.18 8.53
N LEU A 124 -12.13 -0.88 7.25
CA LEU A 124 -11.72 0.42 6.67
C LEU A 124 -12.84 0.96 5.81
N ASN A 125 -13.08 2.25 5.89
CA ASN A 125 -13.90 2.91 4.86
C ASN A 125 -13.09 3.02 3.56
N GLY A 126 -13.75 3.35 2.46
CA GLY A 126 -13.13 3.67 1.17
C GLY A 126 -12.01 4.68 1.34
N GLY A 127 -10.83 4.42 0.79
CA GLY A 127 -9.76 5.41 0.81
C GLY A 127 -8.93 5.33 2.08
N GLN A 128 -9.32 4.55 3.06
CA GLN A 128 -8.49 4.36 4.26
C GLN A 128 -7.55 3.16 4.04
N LYS A 129 -6.41 3.24 4.71
CA LYS A 129 -5.47 2.10 4.79
C LYS A 129 -4.87 2.05 6.18
N TYR A 130 -4.29 0.91 6.49
CA TYR A 130 -3.80 0.60 7.83
C TYR A 130 -2.60 -0.31 7.66
N THR A 131 -1.52 0.00 8.36
CA THR A 131 -0.29 -0.78 8.29
C THR A 131 0.03 -1.26 9.69
N PHE A 132 0.46 -2.49 9.82
CA PHE A 132 0.87 -3.04 11.12
C PHE A 132 1.95 -4.08 10.89
N SER A 133 2.68 -4.42 11.95
CA SER A 133 3.69 -5.46 11.77
C SER A 133 3.63 -6.45 12.91
N PHE A 134 4.24 -7.60 12.62
CA PHE A 134 4.19 -8.78 13.51
C PHE A 134 5.20 -9.79 13.03
N VAL A 135 5.44 -10.75 13.90
CA VAL A 135 6.27 -11.91 13.55
C VAL A 135 5.26 -13.03 13.28
N VAL A 136 5.46 -13.73 12.17
CA VAL A 136 4.55 -14.85 11.79
C VAL A 136 4.57 -15.94 12.86
N PRO A 137 3.44 -16.17 13.57
CA PRO A 137 3.41 -17.14 14.64
C PRO A 137 3.51 -18.55 14.08
N ASN A 138 3.74 -19.50 15.00
CA ASN A 138 3.94 -20.90 14.61
C ASN A 138 2.56 -21.50 14.38
N LYS A 139 1.91 -21.17 13.28
CA LYS A 139 0.54 -21.70 12.99
C LYS A 139 0.54 -22.19 11.55
N PRO A 140 1.33 -23.24 11.21
CA PRO A 140 1.55 -23.59 9.81
C PRO A 140 0.27 -24.12 9.15
N GLY A 141 0.23 -24.05 7.84
CA GLY A 141 -0.89 -24.55 7.04
C GLY A 141 -1.72 -23.41 6.48
N LYS A 142 -2.88 -23.75 5.97
CA LYS A 142 -3.77 -22.89 5.17
C LYS A 142 -4.66 -22.11 6.13
N TRP A 143 -4.64 -20.79 5.98
CA TRP A 143 -5.61 -19.87 6.61
C TRP A 143 -6.34 -19.13 5.49
N GLU A 144 -7.44 -18.50 5.81
CA GLU A 144 -8.20 -17.73 4.82
C GLU A 144 -8.33 -16.31 5.32
N TYR A 145 -8.39 -15.40 4.39
CA TYR A 145 -8.77 -14.02 4.75
C TYR A 145 -10.06 -13.70 4.04
N GLY A 146 -10.85 -12.88 4.71
CA GLY A 146 -12.21 -12.64 4.26
C GLY A 146 -12.83 -11.38 4.84
N CYS A 147 -13.84 -10.90 4.14
CA CYS A 147 -14.65 -9.75 4.56
C CYS A 147 -16.07 -10.23 4.91
N PHE A 148 -16.56 -9.92 6.10
CA PHE A 148 -17.90 -10.36 6.54
C PHE A 148 -18.85 -9.17 6.71
N LEU A 149 -18.48 -7.99 6.22
CA LEU A 149 -19.38 -6.82 6.22
C LEU A 149 -20.55 -7.11 5.28
N GLN A 150 -21.64 -6.40 5.52
CA GLN A 150 -22.83 -6.51 4.62
C GLN A 150 -23.44 -7.89 4.93
N THR A 151 -23.45 -8.25 6.19
CA THR A 151 -23.93 -9.56 6.67
C THR A 151 -23.33 -10.67 5.80
N GLY A 152 -22.00 -10.71 5.61
CA GLY A 152 -21.36 -11.82 4.87
C GLY A 152 -21.46 -11.71 3.35
N GLN A 153 -22.10 -10.67 2.81
CA GLN A 153 -22.35 -10.58 1.35
C GLN A 153 -21.03 -10.44 0.56
N ALA A 154 -20.09 -9.66 1.05
CA ALA A 154 -18.77 -9.47 0.42
C ALA A 154 -18.08 -10.85 0.28
N PHE A 155 -18.05 -11.62 1.37
CA PHE A 155 -17.54 -13.00 1.37
C PHE A 155 -18.23 -13.88 0.32
N MET A 156 -19.55 -13.88 0.34
CA MET A 156 -20.37 -14.72 -0.54
C MET A 156 -20.20 -14.28 -2.00
N ASN A 157 -19.86 -13.03 -2.25
CA ASN A 157 -19.55 -12.55 -3.62
C ASN A 157 -18.12 -12.85 -4.03
N GLY A 158 -17.32 -13.52 -3.19
CA GLY A 158 -15.95 -13.95 -3.54
C GLY A 158 -14.86 -13.13 -2.87
N MET A 159 -15.15 -12.34 -1.84
CA MET A 159 -14.08 -11.54 -1.18
C MET A 159 -13.36 -12.39 -0.11
N HIS A 160 -12.45 -13.25 -0.56
CA HIS A 160 -11.65 -14.10 0.33
C HIS A 160 -10.33 -14.45 -0.35
N GLY A 161 -9.36 -14.82 0.46
CA GLY A 161 -8.04 -15.19 -0.04
C GLY A 161 -7.49 -16.31 0.77
N ILE A 162 -6.42 -16.91 0.28
CA ILE A 162 -5.75 -18.03 0.99
C ILE A 162 -4.38 -17.54 1.43
N LEU A 163 -4.13 -17.65 2.73
CA LEU A 163 -2.78 -17.49 3.33
C LEU A 163 -2.20 -18.86 3.62
N ASP A 164 -1.06 -19.18 2.99
CA ASP A 164 -0.29 -20.40 3.31
C ASP A 164 0.86 -20.04 4.26
N ILE A 165 0.91 -20.65 5.45
CA ILE A 165 2.01 -20.46 6.42
C ILE A 165 2.95 -21.69 6.35
N LEU A 166 4.20 -21.47 5.93
CA LEU A 166 5.23 -22.54 5.90
C LEU A 166 6.08 -22.52 7.16
N PRO A 167 6.64 -23.67 7.61
CA PRO A 167 7.71 -23.69 8.61
C PRO A 167 8.92 -22.82 8.24
N ALA A 168 9.70 -22.38 9.21
CA ALA A 168 10.82 -21.43 9.05
C ALA A 168 11.91 -22.06 8.18
N GLN A 169 12.61 -21.26 7.34
CA GLN A 169 13.78 -21.70 6.53
C GLN A 169 15.08 -21.31 7.23
N GLY B 31 17.23 -7.29 -1.74
CA GLY B 31 17.60 -6.18 -0.84
C GLY B 31 16.99 -4.88 -1.34
N VAL B 32 15.79 -4.94 -1.90
CA VAL B 32 15.12 -3.73 -2.44
C VAL B 32 14.31 -3.09 -1.30
N HIS B 33 14.52 -1.82 -1.01
CA HIS B 33 13.79 -1.10 0.06
C HIS B 33 12.52 -0.47 -0.54
N HIS B 34 11.35 -0.77 0.06
CA HIS B 34 10.05 -0.24 -0.44
C HIS B 34 9.68 1.08 0.25
N TYR B 35 9.45 2.14 -0.52
CA TYR B 35 8.94 3.45 -0.04
C TYR B 35 7.62 3.76 -0.75
N THR B 36 6.75 4.49 -0.07
CA THR B 36 5.44 4.88 -0.63
C THR B 36 5.33 6.39 -0.49
N ILE B 37 4.95 7.07 -1.55
CA ILE B 37 4.58 8.51 -1.47
C ILE B 37 3.13 8.65 -1.89
N ASP B 38 2.35 9.07 -0.93
CA ASP B 38 0.91 9.33 -1.08
C ASP B 38 0.70 10.79 -1.43
N GLU B 39 -0.21 11.01 -2.37
CA GLU B 39 -0.60 12.33 -2.87
C GLU B 39 -2.01 12.62 -2.36
N PHE B 40 -2.17 13.80 -1.81
CA PHE B 40 -3.42 14.36 -1.31
C PHE B 40 -3.50 15.79 -1.84
N ASN B 41 -4.70 16.37 -1.79
CA ASN B 41 -4.97 17.74 -2.27
C ASN B 41 -4.30 18.71 -1.29
N TYR B 42 -3.05 18.81 -1.75
CA TYR B 42 -1.94 19.75 -1.97
C TYR B 42 -0.87 19.36 -0.98
N TYR B 43 -0.61 18.06 -0.84
CA TYR B 43 0.58 17.58 -0.09
C TYR B 43 0.90 16.13 -0.38
N TYR B 44 2.15 15.82 -0.09
CA TYR B 44 2.73 14.46 -0.16
C TYR B 44 2.85 13.95 1.27
N LYS B 45 2.57 12.67 1.47
CA LYS B 45 2.88 11.96 2.72
C LYS B 45 3.75 10.76 2.35
N PRO B 46 5.04 10.70 2.77
CA PRO B 46 5.69 11.77 3.53
C PRO B 46 6.23 12.90 2.65
N ASP B 47 6.49 14.05 3.24
CA ASP B 47 6.98 15.22 2.46
C ASP B 47 8.47 15.35 2.69
N ARG B 48 9.09 14.38 3.37
CA ARG B 48 10.56 14.31 3.52
C ARG B 48 10.96 12.85 3.34
N MET B 49 12.08 12.64 2.68
CA MET B 49 12.53 11.27 2.38
C MET B 49 14.07 11.25 2.31
N THR B 50 14.67 10.18 2.81
CA THR B 50 16.15 10.04 2.79
C THR B 50 16.51 8.75 2.07
N TRP B 51 17.37 8.82 1.06
CA TRP B 51 17.95 7.59 0.46
C TRP B 51 19.47 7.67 0.57
N HIS B 52 20.11 6.50 0.50
CA HIS B 52 21.58 6.37 0.34
C HIS B 52 21.91 6.09 -1.13
N VAL B 53 22.91 6.80 -1.65
CA VAL B 53 23.54 6.47 -2.96
C VAL B 53 23.79 4.96 -3.00
N GLY B 54 23.37 4.30 -4.09
CA GLY B 54 23.57 2.86 -4.31
C GLY B 54 22.44 2.03 -3.74
N GLU B 55 21.50 2.65 -3.02
CA GLU B 55 20.36 1.93 -2.41
C GLU B 55 19.40 1.47 -3.52
N LYS B 56 18.87 0.28 -3.36
CA LYS B 56 17.82 -0.29 -4.21
C LYS B 56 16.48 0.12 -3.66
N VAL B 57 15.74 0.86 -4.47
CA VAL B 57 14.45 1.49 -4.08
C VAL B 57 13.35 1.01 -5.02
N GLU B 58 12.29 0.46 -4.44
CA GLU B 58 10.95 0.31 -5.06
C GLU B 58 10.11 1.44 -4.49
N LEU B 59 9.63 2.30 -5.37
CA LEU B 59 8.84 3.48 -4.94
C LEU B 59 7.42 3.32 -5.47
N THR B 60 6.44 3.37 -4.57
CA THR B 60 5.03 3.42 -4.96
C THR B 60 4.53 4.88 -4.85
N ILE B 61 4.01 5.43 -5.92
CA ILE B 61 3.33 6.73 -5.90
C ILE B 61 1.83 6.44 -5.95
N ASP B 62 1.07 6.97 -4.99
CA ASP B 62 -0.37 6.68 -4.92
C ASP B 62 -1.14 8.00 -4.87
N ASN B 63 -2.02 8.20 -5.85
CA ASN B 63 -2.87 9.40 -5.87
C ASN B 63 -4.07 9.14 -4.97
N ARG B 64 -4.05 9.65 -3.74
CA ARG B 64 -5.15 9.49 -2.75
C ARG B 64 -5.99 10.77 -2.72
N SER B 65 -6.05 11.50 -3.83
CA SER B 65 -6.83 12.75 -3.93
C SER B 65 -8.18 12.59 -3.22
N GLN B 66 -8.46 13.40 -2.22
CA GLN B 66 -9.60 13.09 -1.31
C GLN B 66 -10.86 13.82 -1.77
N SER B 67 -10.85 14.46 -2.95
CA SER B 67 -11.98 15.33 -3.35
C SER B 67 -12.98 14.56 -4.19
N ALA B 68 -14.15 15.14 -4.38
CA ALA B 68 -15.18 14.75 -5.38
C ALA B 68 -15.31 15.91 -6.37
N PRO B 69 -14.86 15.78 -7.64
CA PRO B 69 -14.12 14.61 -8.11
C PRO B 69 -12.64 14.66 -7.70
N PRO B 70 -11.95 13.51 -7.76
CA PRO B 70 -10.53 13.47 -7.49
C PRO B 70 -9.76 14.27 -8.53
N ILE B 71 -8.62 14.82 -8.14
CA ILE B 71 -7.69 15.64 -8.94
C ILE B 71 -6.47 14.78 -9.29
N ALA B 72 -6.00 14.92 -10.51
CA ALA B 72 -4.78 14.27 -11.00
C ALA B 72 -3.62 14.92 -10.27
N HIS B 73 -2.64 14.15 -9.91
CA HIS B 73 -1.43 14.70 -9.29
C HIS B 73 -0.18 14.16 -9.97
N GLN B 74 0.88 14.95 -9.86
CA GLN B 74 2.18 14.62 -10.49
C GLN B 74 3.24 14.47 -9.42
N PHE B 75 4.16 13.54 -9.65
CA PHE B 75 5.34 13.34 -8.82
C PHE B 75 6.57 13.51 -9.70
N SER B 76 7.38 14.49 -9.38
CA SER B 76 8.56 14.81 -10.20
C SER B 76 9.73 15.22 -9.29
N ILE B 77 10.88 14.58 -9.39
CA ILE B 77 12.06 14.89 -8.52
C ILE B 77 13.10 15.68 -9.32
N GLY B 78 13.51 16.83 -8.80
CA GLY B 78 14.57 17.59 -9.47
C GLY B 78 15.17 18.68 -8.58
N ARG B 79 15.96 19.52 -9.22
CA ARG B 79 16.62 20.68 -8.58
C ARG B 79 16.31 21.88 -9.45
N THR B 80 16.03 23.03 -8.82
CA THR B 80 16.00 24.35 -9.47
C THR B 80 14.64 24.52 -10.12
N LEU B 81 13.73 25.14 -9.38
CA LEU B 81 12.39 25.44 -9.90
C LEU B 81 12.51 26.25 -11.20
N VAL B 82 11.87 25.77 -12.26
CA VAL B 82 11.60 26.55 -13.51
C VAL B 82 10.12 27.00 -13.48
N SER B 83 9.85 28.19 -13.97
CA SER B 83 8.56 28.89 -13.73
C SER B 83 7.99 29.49 -15.02
N ILE B 94 4.55 31.18 -11.69
CA ILE B 94 3.81 29.94 -12.06
C ILE B 94 4.74 28.71 -12.08
N ALA B 95 4.59 27.79 -11.14
CA ALA B 95 5.53 26.64 -11.03
C ALA B 95 5.31 25.71 -12.24
N VAL B 96 6.34 25.43 -13.06
CA VAL B 96 6.16 24.55 -14.26
C VAL B 96 7.12 23.37 -14.23
N GLY B 97 8.28 23.43 -13.59
CA GLY B 97 9.03 22.18 -13.39
C GLY B 97 10.37 22.36 -12.72
N TRP B 98 11.24 21.35 -12.83
CA TRP B 98 12.64 21.36 -12.34
C TRP B 98 13.54 21.54 -13.54
N LYS B 99 14.66 22.25 -13.38
CA LYS B 99 15.70 22.30 -14.43
C LYS B 99 16.37 20.92 -14.50
N ASP B 100 16.88 20.40 -13.37
CA ASP B 100 17.58 19.10 -13.29
C ASP B 100 16.61 18.00 -12.86
N ASN B 101 16.33 17.03 -13.73
CA ASN B 101 15.56 15.82 -13.34
C ASN B 101 16.47 14.79 -12.67
N PHE B 102 16.15 14.46 -11.42
CA PHE B 102 16.89 13.47 -10.63
C PHE B 102 17.03 12.12 -11.37
N PHE B 103 16.04 11.70 -12.16
CA PHE B 103 16.01 10.38 -12.84
C PHE B 103 16.77 10.40 -14.17
N ASP B 104 17.33 11.56 -14.56
CA ASP B 104 18.16 11.64 -15.79
C ASP B 104 19.28 10.58 -15.65
N GLY B 105 19.30 9.64 -16.58
CA GLY B 105 20.34 8.58 -16.64
C GLY B 105 20.01 7.38 -15.77
N VAL B 106 18.93 7.41 -15.00
CA VAL B 106 18.66 6.34 -14.00
C VAL B 106 17.73 5.30 -14.62
N PRO B 107 18.19 4.04 -14.82
CA PRO B 107 17.30 2.98 -15.28
C PRO B 107 16.08 2.81 -14.37
N ILE B 108 14.90 2.90 -14.97
CA ILE B 108 13.56 2.66 -14.36
C ILE B 108 13.18 1.23 -14.69
N THR B 109 12.75 0.53 -13.65
CA THR B 109 12.26 -0.85 -13.71
C THR B 109 10.77 -0.85 -13.36
N SER B 110 9.95 -1.28 -14.29
CA SER B 110 8.47 -1.19 -14.19
C SER B 110 7.83 -2.01 -15.29
N GLY B 111 6.84 -2.80 -14.95
CA GLY B 111 6.01 -3.56 -15.89
C GLY B 111 6.79 -4.40 -16.88
N GLY B 112 7.81 -5.13 -16.43
CA GLY B 112 8.62 -5.96 -17.32
C GLY B 112 9.55 -5.14 -18.18
N GLN B 113 9.81 -3.87 -17.85
CA GLN B 113 10.81 -3.09 -18.61
C GLN B 113 11.86 -2.49 -17.70
N THR B 114 13.07 -2.33 -18.22
CA THR B 114 14.21 -1.69 -17.51
C THR B 114 14.98 -0.80 -18.46
N GLY B 115 15.23 0.44 -18.06
CA GLY B 115 15.85 1.40 -18.97
C GLY B 115 15.70 2.80 -18.45
N PRO B 116 16.67 3.70 -18.72
CA PRO B 116 16.46 5.13 -18.50
C PRO B 116 15.29 5.64 -19.34
N VAL B 117 14.60 6.62 -18.79
CA VAL B 117 13.41 7.27 -19.39
C VAL B 117 13.73 8.75 -19.42
N PRO B 118 13.59 9.38 -20.60
CA PRO B 118 13.80 10.83 -20.66
C PRO B 118 12.63 11.54 -19.96
N ALA B 119 12.92 12.63 -19.24
CA ALA B 119 11.94 13.59 -18.68
C ALA B 119 10.97 12.78 -17.82
N PHE B 120 11.52 11.83 -17.07
CA PHE B 120 10.74 10.88 -16.26
C PHE B 120 9.96 11.65 -15.19
N SER B 121 8.68 11.34 -15.13
CA SER B 121 7.70 11.97 -14.24
C SER B 121 6.51 11.02 -14.03
N VAL B 122 5.88 10.96 -12.86
CA VAL B 122 4.70 10.09 -12.63
C VAL B 122 3.45 10.96 -12.50
N SER B 123 2.53 10.89 -13.46
CA SER B 123 1.23 11.59 -13.41
C SER B 123 0.10 10.59 -13.22
N LEU B 124 -0.81 10.81 -12.29
CA LEU B 124 -1.85 9.81 -11.94
C LEU B 124 -3.19 10.49 -11.71
N ASN B 125 -4.26 9.82 -12.17
CA ASN B 125 -5.63 10.21 -11.80
C ASN B 125 -5.93 9.68 -10.40
N GLY B 126 -7.01 10.16 -9.80
CA GLY B 126 -7.43 9.73 -8.47
C GLY B 126 -7.58 8.23 -8.42
N GLY B 127 -7.12 7.59 -7.36
CA GLY B 127 -7.33 6.14 -7.23
C GLY B 127 -6.24 5.35 -7.91
N GLN B 128 -5.35 5.99 -8.67
CA GLN B 128 -4.31 5.24 -9.40
C GLN B 128 -3.01 5.29 -8.58
N LYS B 129 -2.24 4.22 -8.66
CA LYS B 129 -0.88 4.17 -8.14
C LYS B 129 0.06 3.51 -9.15
N TYR B 130 1.31 3.87 -9.04
CA TYR B 130 2.36 3.44 -9.97
C TYR B 130 3.57 3.03 -9.14
N THR B 131 4.12 1.85 -9.41
CA THR B 131 5.28 1.32 -8.66
C THR B 131 6.43 1.13 -9.63
N PHE B 132 7.61 1.55 -9.26
CA PHE B 132 8.79 1.38 -10.14
C PHE B 132 10.01 1.22 -9.26
N SER B 133 11.07 0.67 -9.82
CA SER B 133 12.32 0.43 -9.08
C SER B 133 13.47 1.09 -9.79
N PHE B 134 14.50 1.38 -9.02
CA PHE B 134 15.75 2.00 -9.49
C PHE B 134 16.81 1.85 -8.40
N VAL B 135 18.04 2.06 -8.80
CA VAL B 135 19.17 2.12 -7.84
C VAL B 135 19.46 3.62 -7.66
N VAL B 136 19.57 4.07 -6.42
CA VAL B 136 19.80 5.50 -6.11
C VAL B 136 21.12 5.95 -6.73
N PRO B 137 21.04 6.88 -7.71
CA PRO B 137 22.23 7.36 -8.39
C PRO B 137 23.14 8.15 -7.45
N ASN B 138 24.36 8.39 -7.91
CA ASN B 138 25.37 9.08 -7.10
C ASN B 138 25.15 10.57 -7.32
N LYS B 139 24.10 11.12 -6.72
CA LYS B 139 23.81 12.56 -6.86
C LYS B 139 23.49 13.03 -5.45
N PRO B 140 24.50 13.08 -4.55
CA PRO B 140 24.23 13.31 -3.13
C PRO B 140 23.70 14.72 -2.90
N GLY B 141 23.02 14.91 -1.77
CA GLY B 141 22.54 16.23 -1.35
C GLY B 141 21.06 16.34 -1.50
N LYS B 142 20.55 17.55 -1.41
CA LYS B 142 19.08 17.79 -1.30
C LYS B 142 18.50 17.93 -2.71
N TRP B 143 17.44 17.17 -2.96
CA TRP B 143 16.58 17.27 -4.17
C TRP B 143 15.18 17.62 -3.71
N GLU B 144 14.33 18.05 -4.62
CA GLU B 144 12.93 18.35 -4.28
C GLU B 144 11.99 17.48 -5.10
N TYR B 145 10.81 17.23 -4.56
CA TYR B 145 9.76 16.62 -5.38
C TYR B 145 8.54 17.52 -5.35
N GLY B 146 7.81 17.49 -6.45
CA GLY B 146 6.82 18.54 -6.72
C GLY B 146 5.79 18.10 -7.74
N CYS B 147 4.62 18.69 -7.59
CA CYS B 147 3.51 18.56 -8.56
C CYS B 147 3.35 19.88 -9.32
N PHE B 148 3.38 19.83 -10.65
CA PHE B 148 3.19 21.00 -11.54
C PHE B 148 1.87 20.88 -12.29
N LEU B 149 0.95 20.00 -11.90
CA LEU B 149 -0.41 20.02 -12.52
C LEU B 149 -1.23 21.20 -11.96
N GLN B 150 -2.48 21.32 -12.44
CA GLN B 150 -3.41 22.43 -12.17
C GLN B 150 -2.71 23.79 -12.34
N THR B 151 -1.98 24.00 -13.45
CA THR B 151 -1.31 25.27 -13.78
C THR B 151 -0.25 25.76 -12.78
N GLY B 152 0.22 24.91 -11.85
CA GLY B 152 1.11 25.31 -10.74
C GLY B 152 0.37 25.50 -9.42
N GLN B 153 -0.98 25.46 -9.39
CA GLN B 153 -1.81 25.69 -8.18
C GLN B 153 -1.48 24.68 -7.06
N ALA B 154 -1.30 23.40 -7.41
CA ALA B 154 -1.00 22.32 -6.43
C ALA B 154 0.35 22.65 -5.78
N PHE B 155 1.35 23.00 -6.60
CA PHE B 155 2.70 23.40 -6.09
C PHE B 155 2.57 24.62 -5.14
N MET B 156 1.84 25.62 -5.57
CA MET B 156 1.70 26.88 -4.80
C MET B 156 0.91 26.62 -3.51
N ASN B 157 0.05 25.62 -3.48
CA ASN B 157 -0.69 25.19 -2.27
C ASN B 157 0.15 24.28 -1.39
N GLY B 158 1.43 24.04 -1.72
CA GLY B 158 2.38 23.34 -0.85
C GLY B 158 2.65 21.91 -1.29
N MET B 159 2.34 21.52 -2.53
CA MET B 159 2.58 20.13 -2.98
C MET B 159 4.03 19.97 -3.46
N HIS B 160 4.93 19.88 -2.49
CA HIS B 160 6.37 19.68 -2.73
C HIS B 160 6.98 19.06 -1.48
N GLY B 161 8.11 18.38 -1.67
CA GLY B 161 8.77 17.64 -0.59
C GLY B 161 10.26 17.78 -0.77
N ILE B 162 11.01 17.34 0.23
CA ILE B 162 12.49 17.37 0.20
C ILE B 162 12.97 15.94 0.23
N LEU B 163 13.77 15.57 -0.78
CA LEU B 163 14.53 14.29 -0.80
C LEU B 163 15.99 14.57 -0.46
N ASP B 164 16.51 13.92 0.57
CA ASP B 164 17.95 13.96 0.93
C ASP B 164 18.63 12.67 0.42
N ILE B 165 19.66 12.81 -0.42
CA ILE B 165 20.51 11.67 -0.86
C ILE B 165 21.82 11.68 -0.06
N LEU B 166 22.02 10.66 0.78
CA LEU B 166 23.25 10.46 1.59
C LEU B 166 24.23 9.60 0.80
N PRO B 167 25.55 9.87 0.90
CA PRO B 167 26.55 9.02 0.23
C PRO B 167 26.52 7.59 0.81
N ALA B 168 27.09 6.62 0.08
CA ALA B 168 27.30 5.24 0.58
C ALA B 168 28.59 5.20 1.41
CU CU1 C . -15.37 -6.21 1.94
C1 GOL D . -7.21 -1.63 14.78
O1 GOL D . -7.66 -2.93 15.16
C2 GOL D . -7.28 -1.44 13.28
O2 GOL D . -7.51 -2.70 12.68
C3 GOL D . -8.33 -0.44 12.85
O3 GOL D . -8.60 -0.53 11.46
CU CU1 E . -0.66 17.45 -7.51
C1 GOL F . 10.73 1.43 -18.91
O1 GOL F . 10.39 2.32 -17.84
C2 GOL F . 11.91 1.87 -19.76
O2 GOL F . 12.33 0.76 -20.55
C3 GOL F . 11.65 3.04 -20.69
O3 GOL F . 11.80 2.69 -22.06
#